data_6SXE
#
_entry.id   6SXE
#
_cell.length_a   110.108
_cell.length_b   110.108
_cell.length_c   210.164
_cell.angle_alpha   90.000
_cell.angle_beta   90.000
_cell.angle_gamma   90.000
#
_symmetry.space_group_name_H-M   'I 4 2 2'
#
loop_
_entity.id
_entity.type
_entity.pdbx_description
1 polymer 'Ion transport protein'
2 non-polymer 'SODIUM ION'
3 non-polymer HEGA-10
4 non-polymer 2,5,8,11,14,17,20,23-OCTAOXAPENTACOSAN-25-OL
5 non-polymer Endoxifen
6 water water
#
_entity_poly.entity_id   1
_entity_poly.type   'polypeptide(L)'
_entity_poly.pdbx_seq_one_letter_code
;GSHMSRKIRDLIESKRFQNVITAIIVLNGAVLGLLTDTTLSASSQNLLERVDQLCLTIFIVEISLKIYAYGVRGFFRSGW
NLFDFVIVAIALMPAQGSLSVLRTFRIFRVMRLVSVIPTMRRVVQGMLLALPGVGSVAALLTVVFYIAAVMATNLYGATF
PEWFGDLSKSLYTLFQVMTLESWSMGIVRPVMNVHPNAWVFFIPFIMLTTLTVLNLFIGIIVDAMAITKEQEEEAKTGHH
QEPISQTLLHLGDRLDRIEKQLAQNNELLQRQQPQKK
;
_entity_poly.pdbx_strand_id   A
#
# COMPACT_ATOMS: atom_id res chain seq x y z
N SER A 2 15.01 16.98 -30.86
CA SER A 2 16.43 16.74 -30.60
C SER A 2 16.80 15.26 -30.57
N HIS A 3 18.00 14.93 -31.09
CA HIS A 3 18.55 13.57 -31.16
C HIS A 3 19.12 13.11 -29.81
N MET A 4 19.59 14.08 -28.99
CA MET A 4 20.15 13.83 -27.66
C MET A 4 19.09 13.29 -26.71
N SER A 5 17.90 13.92 -26.66
CA SER A 5 16.79 13.49 -25.81
C SER A 5 16.17 12.16 -26.28
N ARG A 6 16.23 11.87 -27.60
CA ARG A 6 15.68 10.65 -28.20
C ARG A 6 16.46 9.39 -27.81
N LYS A 7 17.79 9.37 -28.07
CA LYS A 7 18.66 8.23 -27.76
C LYS A 7 18.81 7.98 -26.24
N ILE A 8 18.67 9.04 -25.40
CA ILE A 8 18.73 8.94 -23.94
C ILE A 8 17.50 8.19 -23.42
N ARG A 9 16.30 8.43 -24.04
CA ARG A 9 15.04 7.72 -23.73
C ARG A 9 15.16 6.24 -24.11
N ASP A 10 15.81 5.94 -25.27
CA ASP A 10 16.04 4.59 -25.78
C ASP A 10 16.88 3.79 -24.78
N LEU A 11 17.92 4.45 -24.20
CA LEU A 11 18.81 3.92 -23.17
C LEU A 11 18.04 3.64 -21.86
N ILE A 12 17.29 4.65 -21.36
CA ILE A 12 16.49 4.59 -20.14
C ILE A 12 15.46 3.45 -20.20
N GLU A 13 14.74 3.32 -21.34
CA GLU A 13 13.71 2.30 -21.54
C GLU A 13 14.25 0.88 -21.82
N SER A 14 15.59 0.70 -21.87
CA SER A 14 16.20 -0.61 -22.12
C SER A 14 16.17 -1.52 -20.88
N LYS A 15 16.22 -2.86 -21.11
CA LYS A 15 16.22 -3.87 -20.06
C LYS A 15 17.51 -3.79 -19.21
N ARG A 16 18.68 -3.60 -19.87
CA ARG A 16 19.96 -3.50 -19.17
C ARG A 16 20.03 -2.31 -18.22
N PHE A 17 19.50 -1.13 -18.64
CA PHE A 17 19.45 0.07 -17.79
C PHE A 17 18.66 -0.22 -16.51
N GLN A 18 17.50 -0.91 -16.65
CA GLN A 18 16.63 -1.30 -15.54
C GLN A 18 17.39 -2.24 -14.60
N ASN A 19 18.16 -3.20 -15.16
CA ASN A 19 18.94 -4.18 -14.41
C ASN A 19 20.09 -3.54 -13.63
N VAL A 20 20.76 -2.52 -14.23
CA VAL A 20 21.86 -1.79 -13.60
C VAL A 20 21.31 -1.06 -12.38
N ILE A 21 20.21 -0.29 -12.57
CA ILE A 21 19.55 0.46 -11.48
C ILE A 21 19.04 -0.50 -10.37
N THR A 22 18.48 -1.68 -10.73
CA THR A 22 18.01 -2.70 -9.78
C THR A 22 19.19 -3.24 -8.97
N ALA A 23 20.35 -3.47 -9.62
CA ALA A 23 21.59 -3.95 -8.99
C ALA A 23 22.08 -2.95 -7.96
N ILE A 24 22.10 -1.64 -8.31
CA ILE A 24 22.51 -0.55 -7.42
C ILE A 24 21.56 -0.44 -6.18
N ILE A 25 20.24 -0.67 -6.36
CA ILE A 25 19.25 -0.63 -5.25
C ILE A 25 19.55 -1.75 -4.25
N VAL A 26 19.80 -2.99 -4.76
CA VAL A 26 20.15 -4.18 -3.96
C VAL A 26 21.48 -3.92 -3.22
N LEU A 27 22.47 -3.35 -3.93
CA LEU A 27 23.79 -2.99 -3.39
C LEU A 27 23.65 -1.96 -2.27
N ASN A 28 22.80 -0.93 -2.48
CA ASN A 28 22.58 0.11 -1.48
C ASN A 28 21.87 -0.49 -0.26
N GLY A 29 20.90 -1.36 -0.52
CA GLY A 29 20.13 -2.05 0.51
C GLY A 29 20.99 -2.93 1.39
N ALA A 30 21.92 -3.68 0.74
CA ALA A 30 22.88 -4.55 1.42
C ALA A 30 23.86 -3.75 2.25
N VAL A 31 24.37 -2.59 1.74
CA VAL A 31 25.32 -1.80 2.54
C VAL A 31 24.63 -1.21 3.79
N LEU A 32 23.37 -0.78 3.66
CA LEU A 32 22.60 -0.24 4.79
C LEU A 32 22.31 -1.31 5.85
N GLY A 33 22.18 -2.57 5.42
CA GLY A 33 21.99 -3.73 6.28
C GLY A 33 23.26 -4.05 7.04
N LEU A 34 24.43 -3.99 6.36
CA LEU A 34 25.72 -4.23 7.00
C LEU A 34 26.02 -3.15 8.04
N LEU A 35 25.61 -1.89 7.77
CA LEU A 35 25.79 -0.74 8.66
C LEU A 35 24.94 -0.80 9.97
N THR A 36 24.03 -1.78 10.10
CA THR A 36 23.25 -1.95 11.34
C THR A 36 24.11 -2.63 12.41
N ASP A 37 25.21 -3.30 11.97
CA ASP A 37 26.18 -4.00 12.78
C ASP A 37 27.09 -3.00 13.50
N THR A 38 26.85 -2.86 14.80
CA THR A 38 27.55 -1.96 15.72
C THR A 38 29.01 -2.35 16.00
N THR A 39 29.38 -3.65 15.83
CA THR A 39 30.74 -4.15 16.08
C THR A 39 31.78 -3.74 15.01
N LEU A 40 31.33 -3.35 13.78
CA LEU A 40 32.18 -2.97 12.66
C LEU A 40 33.23 -1.92 12.99
N SER A 41 34.42 -2.04 12.38
CA SER A 41 35.53 -1.11 12.59
C SER A 41 35.25 0.25 11.94
N ALA A 42 36.07 1.27 12.27
CA ALA A 42 35.95 2.62 11.73
C ALA A 42 36.14 2.63 10.20
N SER A 43 37.13 1.84 9.70
CA SER A 43 37.45 1.72 8.27
C SER A 43 36.31 1.05 7.51
N SER A 44 35.78 -0.07 8.05
CA SER A 44 34.65 -0.80 7.44
C SER A 44 33.40 0.08 7.28
N GLN A 45 33.09 0.89 8.31
CA GLN A 45 31.95 1.82 8.32
C GLN A 45 32.11 2.94 7.30
N ASN A 46 33.30 3.58 7.26
CA ASN A 46 33.62 4.66 6.32
C ASN A 46 33.52 4.17 4.87
N LEU A 47 34.00 2.93 4.61
CA LEU A 47 34.00 2.26 3.31
C LEU A 47 32.56 2.11 2.78
N LEU A 48 31.68 1.46 3.58
CA LEU A 48 30.26 1.22 3.27
C LEU A 48 29.48 2.53 3.10
N GLU A 49 29.82 3.57 3.88
CA GLU A 49 29.20 4.90 3.80
C GLU A 49 29.53 5.56 2.46
N ARG A 50 30.75 5.29 1.92
CA ARG A 50 31.21 5.78 0.61
C ARG A 50 30.50 4.99 -0.51
N VAL A 51 30.23 3.67 -0.29
CA VAL A 51 29.51 2.82 -1.24
C VAL A 51 28.03 3.26 -1.27
N ASP A 52 27.50 3.72 -0.12
CA ASP A 52 26.15 4.28 0.00
C ASP A 52 26.11 5.61 -0.80
N GLN A 53 27.16 6.44 -0.65
CA GLN A 53 27.30 7.72 -1.34
C GLN A 53 27.37 7.55 -2.86
N LEU A 54 28.08 6.49 -3.33
CA LEU A 54 28.20 6.14 -4.75
C LEU A 54 26.83 5.74 -5.31
N CYS A 55 26.10 4.88 -4.57
CA CYS A 55 24.76 4.43 -4.95
C CYS A 55 23.82 5.62 -5.11
N LEU A 56 23.85 6.55 -4.13
CA LEU A 56 23.03 7.77 -4.14
C LEU A 56 23.31 8.65 -5.36
N THR A 57 24.60 8.89 -5.70
CA THR A 57 25.02 9.72 -6.86
C THR A 57 24.56 9.11 -8.19
N ILE A 58 24.57 7.76 -8.32
CA ILE A 58 24.12 7.02 -9.50
C ILE A 58 22.62 7.33 -9.73
N PHE A 59 21.84 7.40 -8.63
CA PHE A 59 20.41 7.73 -8.68
C PHE A 59 20.18 9.19 -9.11
N ILE A 60 21.06 10.12 -8.68
CA ILE A 60 20.99 11.54 -9.07
C ILE A 60 21.25 11.66 -10.58
N VAL A 61 22.20 10.87 -11.13
CA VAL A 61 22.51 10.84 -12.57
C VAL A 61 21.29 10.29 -13.32
N GLU A 62 20.72 9.17 -12.84
CA GLU A 62 19.53 8.47 -13.35
C GLU A 62 18.30 9.39 -13.49
N ILE A 63 17.90 10.08 -12.39
CA ILE A 63 16.75 10.99 -12.36
C ILE A 63 16.97 12.20 -13.28
N SER A 64 18.16 12.85 -13.22
CA SER A 64 18.53 14.00 -14.05
C SER A 64 18.49 13.65 -15.54
N LEU A 65 18.91 12.41 -15.87
CA LEU A 65 18.92 11.85 -17.23
C LEU A 65 17.46 11.71 -17.70
N LYS A 66 16.55 11.27 -16.79
CA LYS A 66 15.12 11.10 -17.03
C LYS A 66 14.39 12.43 -17.20
N ILE A 67 14.70 13.44 -16.34
CA ILE A 67 14.08 14.77 -16.41
C ILE A 67 14.40 15.44 -17.76
N TYR A 68 15.66 15.35 -18.22
CA TYR A 68 16.09 15.92 -19.50
C TYR A 68 15.44 15.22 -20.69
N ALA A 69 15.39 13.87 -20.68
CA ALA A 69 14.86 13.06 -21.78
C ALA A 69 13.34 13.11 -21.95
N TYR A 70 12.59 13.42 -20.89
CA TYR A 70 11.13 13.45 -20.94
C TYR A 70 10.54 14.85 -20.74
N GLY A 71 11.33 15.75 -20.18
CA GLY A 71 10.90 17.10 -19.84
C GLY A 71 10.34 17.11 -18.42
N VAL A 72 10.43 18.27 -17.73
CA VAL A 72 9.94 18.41 -16.34
C VAL A 72 8.48 17.94 -16.20
N ARG A 73 7.59 18.43 -17.09
CA ARG A 73 6.17 18.07 -17.11
C ARG A 73 5.92 16.58 -17.43
N GLY A 74 6.66 16.07 -18.41
CA GLY A 74 6.59 14.69 -18.87
C GLY A 74 7.02 13.68 -17.83
N PHE A 75 8.13 13.98 -17.11
CA PHE A 75 8.67 13.15 -16.04
C PHE A 75 7.68 13.13 -14.89
N PHE A 76 7.31 14.33 -14.38
CA PHE A 76 6.40 14.49 -13.25
C PHE A 76 4.93 14.12 -13.54
N ARG A 77 4.62 13.70 -14.79
CA ARG A 77 3.28 13.24 -15.19
C ARG A 77 2.97 11.87 -14.53
N SER A 78 4.03 11.07 -14.25
CA SER A 78 3.95 9.75 -13.62
C SER A 78 4.19 9.85 -12.11
N GLY A 79 3.28 9.24 -11.35
CA GLY A 79 3.33 9.20 -9.88
C GLY A 79 4.51 8.39 -9.38
N TRP A 80 4.94 7.39 -10.17
CA TRP A 80 6.09 6.54 -9.86
C TRP A 80 7.38 7.32 -9.98
N ASN A 81 7.45 8.26 -10.93
CA ASN A 81 8.60 9.13 -11.14
C ASN A 81 8.73 10.14 -10.01
N LEU A 82 7.61 10.74 -9.56
CA LEU A 82 7.58 11.70 -8.44
C LEU A 82 8.08 11.01 -7.15
N PHE A 83 7.65 9.76 -6.93
CA PHE A 83 8.05 8.91 -5.81
C PHE A 83 9.58 8.68 -5.88
N ASP A 84 10.11 8.29 -7.07
CA ASP A 84 11.53 8.10 -7.35
C ASP A 84 12.32 9.38 -7.11
N PHE A 85 11.75 10.52 -7.53
CA PHE A 85 12.34 11.84 -7.36
C PHE A 85 12.45 12.18 -5.87
N VAL A 86 11.35 12.07 -5.09
CA VAL A 86 11.30 12.36 -3.66
C VAL A 86 12.30 11.48 -2.88
N ILE A 87 12.25 10.14 -3.06
CA ILE A 87 13.15 9.17 -2.41
C ILE A 87 14.66 9.59 -2.54
N VAL A 88 15.07 10.07 -3.73
CA VAL A 88 16.46 10.52 -4.00
C VAL A 88 16.70 11.98 -3.56
N ALA A 89 15.80 12.91 -3.91
CA ALA A 89 15.91 14.35 -3.58
C ALA A 89 15.86 14.65 -2.08
N ILE A 90 15.19 13.78 -1.29
CA ILE A 90 15.07 13.93 0.16
C ILE A 90 16.45 13.78 0.85
N ALA A 91 17.37 13.02 0.23
CA ALA A 91 18.72 12.79 0.72
C ALA A 91 19.60 14.04 0.64
N LEU A 92 19.37 14.88 -0.40
CA LEU A 92 20.10 16.13 -0.60
C LEU A 92 19.31 17.28 0.07
N MET A 93 19.24 17.25 1.42
CA MET A 93 18.50 18.24 2.20
C MET A 93 19.31 18.86 3.36
N PRO A 94 19.82 20.11 3.22
CA PRO A 94 20.55 20.74 4.32
C PRO A 94 19.58 21.43 5.28
N ALA A 95 19.05 20.64 6.26
CA ALA A 95 18.05 20.99 7.29
C ALA A 95 16.63 21.18 6.74
N GLN A 96 15.64 20.58 7.41
CA GLN A 96 14.23 20.63 7.02
C GLN A 96 13.31 20.92 8.21
N GLY A 97 12.28 21.73 7.98
CA GLY A 97 11.28 22.11 8.98
C GLY A 97 9.94 21.43 8.77
N SER A 98 9.85 20.14 9.19
CA SER A 98 8.65 19.30 9.06
C SER A 98 8.25 18.66 10.38
N LEU A 99 7.02 18.11 10.47
CA LEU A 99 6.48 17.43 11.66
C LEU A 99 6.91 15.94 11.75
N SER A 100 8.17 15.67 11.33
CA SER A 100 8.81 14.36 11.33
C SER A 100 10.01 14.35 12.31
N VAL A 101 10.46 13.16 12.74
CA VAL A 101 11.59 13.02 13.68
C VAL A 101 12.94 13.33 12.95
N LEU A 102 13.45 12.41 12.09
CA LEU A 102 14.71 12.57 11.34
C LEU A 102 14.77 11.61 10.14
N ARG A 103 15.47 12.03 9.07
CA ARG A 103 15.63 11.24 7.84
C ARG A 103 16.82 10.26 7.91
N THR A 104 16.84 9.44 8.97
CA THR A 104 17.85 8.41 9.19
C THR A 104 17.43 7.10 8.47
N PHE A 105 16.18 7.06 7.98
CA PHE A 105 15.60 5.94 7.27
C PHE A 105 15.95 5.98 5.77
N ARG A 106 17.25 5.80 5.47
CA ARG A 106 17.84 5.72 4.14
C ARG A 106 17.42 4.43 3.45
N ILE A 107 17.03 3.42 4.27
CA ILE A 107 16.59 2.09 3.86
C ILE A 107 15.28 2.14 3.03
N PHE A 108 14.54 3.27 3.12
CA PHE A 108 13.32 3.48 2.33
C PHE A 108 13.61 3.53 0.83
N ARG A 109 14.92 3.65 0.46
CA ARG A 109 15.44 3.66 -0.91
C ARG A 109 15.26 2.30 -1.57
N VAL A 110 15.16 1.22 -0.76
CA VAL A 110 14.91 -0.15 -1.23
C VAL A 110 13.47 -0.27 -1.79
N MET A 111 12.54 0.63 -1.35
CA MET A 111 11.17 0.68 -1.88
C MET A 111 11.16 0.98 -3.39
N ARG A 112 12.31 1.46 -3.95
CA ARG A 112 12.48 1.73 -5.37
C ARG A 112 12.47 0.43 -6.18
N LEU A 113 12.70 -0.74 -5.55
CA LEU A 113 12.64 -2.05 -6.22
C LEU A 113 11.24 -2.21 -6.78
N VAL A 114 10.24 -1.75 -6.03
CA VAL A 114 8.84 -1.76 -6.41
C VAL A 114 8.60 -0.88 -7.67
N SER A 115 9.07 0.37 -7.68
CA SER A 115 8.88 1.29 -8.82
C SER A 115 9.70 0.93 -10.06
N VAL A 116 10.89 0.34 -9.89
CA VAL A 116 11.80 -0.04 -10.98
C VAL A 116 11.38 -1.41 -11.61
N ILE A 117 10.85 -2.37 -10.83
CA ILE A 117 10.41 -3.66 -11.39
C ILE A 117 8.91 -3.58 -11.81
N PRO A 118 8.60 -3.67 -13.13
CA PRO A 118 7.20 -3.49 -13.59
C PRO A 118 6.14 -4.44 -13.00
N THR A 119 6.46 -5.73 -12.73
CA THR A 119 5.51 -6.69 -12.15
C THR A 119 5.16 -6.30 -10.72
N MET A 120 6.16 -5.80 -9.98
CA MET A 120 6.02 -5.34 -8.60
C MET A 120 5.28 -4.01 -8.53
N ARG A 121 5.52 -3.15 -9.52
CA ARG A 121 4.86 -1.85 -9.67
C ARG A 121 3.35 -2.07 -9.88
N ARG A 122 2.97 -3.11 -10.65
CA ARG A 122 1.58 -3.46 -10.97
C ARG A 122 0.81 -4.01 -9.77
N VAL A 123 1.49 -4.73 -8.86
CA VAL A 123 0.91 -5.30 -7.63
C VAL A 123 0.48 -4.16 -6.69
N VAL A 124 1.39 -3.20 -6.45
CA VAL A 124 1.15 -2.04 -5.59
C VAL A 124 0.04 -1.18 -6.22
N GLN A 125 0.06 -1.04 -7.56
CA GLN A 125 -0.96 -0.32 -8.33
C GLN A 125 -2.35 -0.92 -8.10
N GLY A 126 -2.45 -2.25 -8.17
CA GLY A 126 -3.69 -2.98 -7.88
C GLY A 126 -4.19 -2.67 -6.49
N MET A 127 -3.29 -2.74 -5.47
CA MET A 127 -3.57 -2.45 -4.06
C MET A 127 -4.02 -1.00 -3.81
N LEU A 128 -3.33 -0.01 -4.42
CA LEU A 128 -3.67 1.42 -4.26
C LEU A 128 -5.00 1.78 -4.92
N LEU A 129 -5.27 1.24 -6.14
CA LEU A 129 -6.51 1.49 -6.85
C LEU A 129 -7.71 0.82 -6.16
N ALA A 130 -7.44 -0.23 -5.35
CA ALA A 130 -8.45 -0.98 -4.59
C ALA A 130 -8.86 -0.25 -3.30
N LEU A 131 -8.06 0.74 -2.86
CA LEU A 131 -8.33 1.48 -1.61
C LEU A 131 -9.57 2.36 -1.66
N PRO A 132 -9.82 3.23 -2.68
CA PRO A 132 -11.06 4.04 -2.66
C PRO A 132 -12.35 3.25 -2.39
N GLY A 133 -12.47 2.07 -3.01
CA GLY A 133 -13.61 1.17 -2.90
C GLY A 133 -13.88 0.60 -1.52
N VAL A 134 -12.89 0.65 -0.59
CA VAL A 134 -13.07 0.16 0.79
C VAL A 134 -13.11 1.33 1.82
N GLY A 135 -13.15 2.57 1.34
CA GLY A 135 -13.16 3.78 2.17
C GLY A 135 -14.28 3.86 3.19
N SER A 136 -15.48 3.41 2.82
CA SER A 136 -16.64 3.41 3.71
C SER A 136 -16.54 2.39 4.84
N VAL A 137 -15.94 1.20 4.57
CA VAL A 137 -15.73 0.12 5.54
C VAL A 137 -14.66 0.58 6.54
N ALA A 138 -13.56 1.19 6.04
CA ALA A 138 -12.45 1.72 6.81
C ALA A 138 -12.94 2.85 7.74
N ALA A 139 -13.90 3.66 7.25
CA ALA A 139 -14.53 4.74 8.00
C ALA A 139 -15.45 4.14 9.08
N LEU A 140 -16.20 3.07 8.76
CA LEU A 140 -17.09 2.41 9.71
C LEU A 140 -16.28 1.85 10.89
N LEU A 141 -15.13 1.21 10.59
CA LEU A 141 -14.20 0.64 11.57
C LEU A 141 -13.58 1.74 12.44
N THR A 142 -13.33 2.92 11.85
CA THR A 142 -12.79 4.09 12.54
C THR A 142 -13.80 4.61 13.59
N VAL A 143 -15.07 4.68 13.22
CA VAL A 143 -16.19 5.15 14.05
C VAL A 143 -16.39 4.17 15.22
N VAL A 144 -16.31 2.85 14.96
CA VAL A 144 -16.44 1.80 15.98
C VAL A 144 -15.30 1.94 17.00
N PHE A 145 -14.06 2.10 16.52
CA PHE A 145 -12.90 2.30 17.40
C PHE A 145 -13.02 3.55 18.25
N TYR A 146 -13.40 4.71 17.64
CA TYR A 146 -13.58 5.97 18.37
C TYR A 146 -14.64 5.85 19.46
N ILE A 147 -15.84 5.33 19.13
CA ILE A 147 -16.92 5.14 20.11
C ILE A 147 -16.44 4.23 21.24
N ALA A 148 -15.79 3.09 20.87
CA ALA A 148 -15.30 2.09 21.82
C ALA A 148 -14.27 2.65 22.79
N ALA A 149 -13.29 3.44 22.27
CA ALA A 149 -12.24 4.11 23.06
C ALA A 149 -12.80 5.08 24.08
N VAL A 150 -13.79 5.92 23.67
CA VAL A 150 -14.45 6.86 24.58
C VAL A 150 -15.14 6.04 25.71
N MET A 151 -15.83 4.93 25.35
CA MET A 151 -16.53 4.09 26.35
C MET A 151 -15.58 3.48 27.32
N ALA A 152 -14.53 2.80 26.81
CA ALA A 152 -13.50 2.13 27.59
C ALA A 152 -12.78 3.08 28.54
N THR A 153 -12.50 4.34 28.09
CA THR A 153 -11.85 5.34 28.92
C THR A 153 -12.74 5.69 30.11
N ASN A 154 -14.02 5.99 29.85
CA ASN A 154 -15.03 6.32 30.87
C ASN A 154 -15.29 5.18 31.85
N LEU A 155 -15.40 3.94 31.36
CA LEU A 155 -15.69 2.77 32.20
C LEU A 155 -14.55 2.25 33.01
N TYR A 156 -13.36 2.04 32.39
CA TYR A 156 -12.21 1.35 32.98
C TYR A 156 -10.96 2.19 33.28
N GLY A 157 -10.89 3.45 32.83
CA GLY A 157 -9.72 4.30 33.03
C GLY A 157 -9.28 4.56 34.45
N ALA A 158 -10.23 4.69 35.39
CA ALA A 158 -9.92 5.00 36.80
C ALA A 158 -9.39 3.76 37.54
N THR A 159 -9.88 2.58 37.17
CA THR A 159 -9.49 1.32 37.77
C THR A 159 -8.32 0.65 37.02
N PHE A 160 -8.19 0.92 35.71
CA PHE A 160 -7.14 0.35 34.84
C PHE A 160 -6.39 1.48 34.06
N PRO A 161 -5.68 2.42 34.74
CA PRO A 161 -5.03 3.52 34.00
C PRO A 161 -3.96 3.14 32.96
N GLU A 162 -3.16 2.06 33.16
CA GLU A 162 -2.15 1.68 32.14
C GLU A 162 -2.76 1.33 30.78
N TRP A 163 -3.93 0.66 30.80
CA TRP A 163 -4.64 0.19 29.62
C TRP A 163 -5.76 1.15 29.14
N PHE A 164 -6.42 1.90 30.03
CA PHE A 164 -7.54 2.72 29.59
C PHE A 164 -7.56 4.15 30.16
N GLY A 165 -6.45 4.57 30.78
CA GLY A 165 -6.32 5.86 31.45
C GLY A 165 -6.70 7.11 30.67
N ASP A 166 -6.56 7.06 29.35
CA ASP A 166 -6.88 8.15 28.43
C ASP A 166 -7.31 7.58 27.09
N LEU A 167 -7.76 8.43 26.18
CA LEU A 167 -8.24 8.04 24.84
C LEU A 167 -7.18 7.30 24.00
N SER A 168 -5.93 7.76 24.05
CA SER A 168 -4.77 7.18 23.37
C SER A 168 -4.41 5.76 23.87
N LYS A 169 -4.39 5.58 25.21
CA LYS A 169 -4.13 4.29 25.83
C LYS A 169 -5.23 3.32 25.45
N SER A 170 -6.52 3.75 25.47
CA SER A 170 -7.68 2.91 25.09
C SER A 170 -7.65 2.48 23.62
N LEU A 171 -7.32 3.39 22.69
CA LEU A 171 -7.25 3.05 21.26
C LEU A 171 -6.20 1.94 21.09
N TYR A 172 -5.03 2.09 21.74
CA TYR A 172 -3.96 1.09 21.68
C TYR A 172 -4.40 -0.29 22.21
N THR A 173 -5.03 -0.38 23.42
CA THR A 173 -5.43 -1.70 23.92
C THR A 173 -6.65 -2.24 23.19
N LEU A 174 -7.45 -1.40 22.54
CA LEU A 174 -8.57 -1.91 21.73
C LEU A 174 -8.07 -2.53 20.43
N PHE A 175 -6.99 -1.95 19.86
CA PHE A 175 -6.34 -2.50 18.68
C PHE A 175 -5.76 -3.89 19.05
N GLN A 176 -5.13 -4.03 20.25
CA GLN A 176 -4.60 -5.29 20.81
C GLN A 176 -5.70 -6.35 20.97
N VAL A 177 -6.88 -5.96 21.52
CA VAL A 177 -8.05 -6.83 21.74
C VAL A 177 -8.55 -7.35 20.39
N MET A 178 -8.67 -6.44 19.38
CA MET A 178 -9.08 -6.77 18.00
C MET A 178 -8.15 -7.83 17.36
N THR A 179 -6.81 -7.70 17.55
CA THR A 179 -5.84 -8.70 17.07
C THR A 179 -5.85 -9.99 17.92
N LEU A 180 -6.73 -10.08 18.95
CA LEU A 180 -6.92 -11.24 19.85
C LEU A 180 -5.70 -11.55 20.72
N GLU A 181 -4.80 -10.57 20.88
CA GLU A 181 -3.54 -10.71 21.61
C GLU A 181 -3.72 -10.50 23.10
N SER A 182 -3.67 -11.62 23.85
CA SER A 182 -3.84 -11.71 25.31
C SER A 182 -5.08 -11.02 25.80
N TRP A 183 -6.10 -10.91 24.94
CA TRP A 183 -7.32 -10.16 25.20
C TRP A 183 -8.01 -10.62 26.48
N SER A 184 -8.00 -11.94 26.77
CA SER A 184 -8.68 -12.50 27.94
C SER A 184 -7.75 -12.73 29.10
N MET A 185 -6.66 -13.48 28.93
CA MET A 185 -5.78 -13.71 30.09
C MET A 185 -5.06 -12.48 30.57
N GLY A 186 -4.74 -11.57 29.64
CA GLY A 186 -4.02 -10.34 29.92
C GLY A 186 -4.86 -9.11 30.18
N ILE A 187 -6.00 -8.94 29.49
CA ILE A 187 -6.83 -7.74 29.69
C ILE A 187 -8.21 -8.01 30.37
N VAL A 188 -9.13 -8.78 29.76
CA VAL A 188 -10.52 -8.91 30.22
C VAL A 188 -10.68 -9.78 31.51
N ARG A 189 -9.96 -10.91 31.68
CA ARG A 189 -10.10 -11.61 32.96
C ARG A 189 -9.68 -10.65 34.09
N PRO A 190 -8.51 -9.94 34.04
CA PRO A 190 -8.19 -8.96 35.12
C PRO A 190 -9.23 -7.85 35.33
N VAL A 191 -9.81 -7.30 34.24
CA VAL A 191 -10.84 -6.22 34.29
C VAL A 191 -12.16 -6.79 34.88
N MET A 192 -12.47 -8.07 34.61
CA MET A 192 -13.67 -8.67 35.15
C MET A 192 -13.62 -8.86 36.64
N ASN A 193 -12.38 -8.94 37.25
CA ASN A 193 -12.22 -9.09 38.69
C ASN A 193 -12.73 -7.83 39.42
N VAL A 194 -12.81 -6.69 38.71
CA VAL A 194 -13.30 -5.43 39.27
C VAL A 194 -14.69 -5.10 38.68
N HIS A 195 -14.88 -5.31 37.37
CA HIS A 195 -16.11 -5.01 36.65
C HIS A 195 -16.64 -6.36 36.10
N PRO A 196 -17.48 -7.12 36.86
CA PRO A 196 -17.87 -8.47 36.39
C PRO A 196 -18.64 -8.58 35.07
N ASN A 197 -19.22 -7.51 34.57
CA ASN A 197 -19.94 -7.60 33.33
C ASN A 197 -19.16 -7.00 32.17
N ALA A 198 -17.82 -6.85 32.32
CA ALA A 198 -16.97 -6.27 31.27
C ALA A 198 -17.04 -7.03 29.95
N TRP A 199 -17.39 -8.34 29.97
CA TRP A 199 -17.49 -9.18 28.78
C TRP A 199 -18.61 -8.72 27.82
N VAL A 200 -19.62 -7.95 28.33
CA VAL A 200 -20.75 -7.38 27.57
C VAL A 200 -20.20 -6.29 26.64
N PHE A 201 -19.06 -5.72 27.01
CA PHE A 201 -18.41 -4.70 26.22
C PHE A 201 -17.45 -5.32 25.20
N PHE A 202 -16.46 -6.11 25.67
CA PHE A 202 -15.36 -6.66 24.86
C PHE A 202 -15.73 -7.79 23.90
N ILE A 203 -16.68 -8.67 24.26
CA ILE A 203 -17.06 -9.76 23.35
C ILE A 203 -17.79 -9.16 22.11
N PRO A 204 -18.85 -8.31 22.24
CA PRO A 204 -19.43 -7.68 21.03
C PRO A 204 -18.42 -6.81 20.27
N PHE A 205 -17.50 -6.10 20.98
CA PHE A 205 -16.44 -5.31 20.33
C PHE A 205 -15.55 -6.22 19.43
N ILE A 206 -15.08 -7.40 19.96
CA ILE A 206 -14.30 -8.40 19.20
C ILE A 206 -15.11 -8.90 17.99
N MET A 207 -16.38 -9.32 18.18
CA MET A 207 -17.24 -9.86 17.13
C MET A 207 -17.42 -8.87 15.97
N LEU A 208 -17.74 -7.62 16.29
CA LEU A 208 -17.92 -6.55 15.31
C LEU A 208 -16.63 -6.12 14.57
N THR A 209 -15.50 -5.92 15.29
CA THR A 209 -14.23 -5.46 14.69
C THR A 209 -13.54 -6.53 13.86
N THR A 210 -13.53 -7.79 14.31
CA THR A 210 -12.91 -8.87 13.54
C THR A 210 -13.66 -9.10 12.21
N LEU A 211 -15.02 -9.00 12.23
CA LEU A 211 -15.85 -9.09 11.04
C LEU A 211 -15.56 -7.91 10.07
N THR A 212 -15.47 -6.66 10.60
CA THR A 212 -15.26 -5.46 9.79
C THR A 212 -13.86 -5.44 9.18
N VAL A 213 -12.82 -5.84 9.97
CA VAL A 213 -11.43 -5.91 9.51
C VAL A 213 -11.29 -6.91 8.36
N LEU A 214 -11.89 -8.09 8.53
CA LEU A 214 -11.90 -9.15 7.53
C LEU A 214 -12.62 -8.66 6.28
N ASN A 215 -13.70 -7.88 6.45
CA ASN A 215 -14.43 -7.28 5.35
C ASN A 215 -13.52 -6.30 4.57
N LEU A 216 -12.81 -5.44 5.31
CA LEU A 216 -11.83 -4.49 4.77
C LEU A 216 -10.74 -5.23 3.96
N PHE A 217 -10.10 -6.28 4.55
CA PHE A 217 -9.07 -7.09 3.88
C PHE A 217 -9.59 -7.87 2.65
N ILE A 218 -10.72 -8.59 2.77
CA ILE A 218 -11.30 -9.34 1.65
C ILE A 218 -11.63 -8.37 0.51
N GLY A 219 -12.20 -7.20 0.84
CA GLY A 219 -12.52 -6.15 -0.12
C GLY A 219 -11.31 -5.72 -0.94
N ILE A 220 -10.21 -5.44 -0.25
CA ILE A 220 -8.95 -5.03 -0.89
C ILE A 220 -8.36 -6.16 -1.76
N ILE A 221 -8.28 -7.38 -1.22
CA ILE A 221 -7.66 -8.53 -1.88
C ILE A 221 -8.37 -8.88 -3.20
N VAL A 222 -9.71 -8.91 -3.19
CA VAL A 222 -10.54 -9.25 -4.34
C VAL A 222 -10.45 -8.18 -5.45
N ASP A 223 -10.56 -6.88 -5.12
CA ASP A 223 -10.43 -5.79 -6.10
C ASP A 223 -9.04 -5.72 -6.68
N ALA A 224 -8.00 -5.67 -5.82
CA ALA A 224 -6.60 -5.63 -6.23
C ALA A 224 -6.27 -6.78 -7.18
N MET A 225 -6.83 -7.97 -6.94
CA MET A 225 -6.64 -9.14 -7.79
C MET A 225 -7.25 -8.97 -9.19
N ALA A 226 -8.46 -8.40 -9.26
CA ALA A 226 -9.15 -8.16 -10.52
C ALA A 226 -8.53 -6.97 -11.27
N ILE A 227 -8.12 -5.90 -10.55
CA ILE A 227 -7.50 -4.71 -11.13
C ILE A 227 -6.17 -5.09 -11.79
N THR A 228 -5.30 -5.81 -11.06
CA THR A 228 -4.00 -6.28 -11.57
C THR A 228 -4.19 -7.15 -12.84
N LYS A 229 -5.22 -8.02 -12.85
CA LYS A 229 -5.58 -8.91 -13.95
C LYS A 229 -6.10 -8.14 -15.16
N GLU A 230 -7.01 -7.17 -14.94
CA GLU A 230 -7.60 -6.34 -15.98
C GLU A 230 -6.58 -5.40 -16.59
N GLN A 231 -5.62 -4.93 -15.77
CA GLN A 231 -4.54 -4.07 -16.21
C GLN A 231 -3.64 -4.81 -17.20
N GLU A 232 -3.39 -6.11 -16.95
CA GLU A 232 -2.58 -6.99 -17.81
C GLU A 232 -3.25 -7.26 -19.16
N GLU A 233 -4.59 -7.40 -19.18
CA GLU A 233 -5.35 -7.61 -20.41
C GLU A 233 -5.45 -6.31 -21.26
N GLU A 234 -5.14 -5.16 -20.61
CA GLU A 234 -5.07 -3.84 -21.23
C GLU A 234 -3.61 -3.54 -21.60
N ALA A 235 -2.63 -4.22 -20.95
CA ALA A 235 -1.20 -4.08 -21.23
C ALA A 235 -0.70 -5.29 -22.07
N LYS A 236 -1.58 -5.79 -22.95
CA LYS A 236 -1.36 -6.90 -23.89
C LYS A 236 -2.11 -6.55 -25.18
N THR A 237 -3.45 -6.45 -25.11
CA THR A 237 -4.30 -6.14 -26.27
C THR A 237 -4.35 -4.64 -26.55
N GLY A 238 -4.19 -3.83 -25.50
CA GLY A 238 -4.28 -2.37 -25.59
C GLY A 238 -5.71 -1.88 -25.58
N HIS A 239 -6.68 -2.80 -25.74
CA HIS A 239 -8.12 -2.53 -25.69
C HIS A 239 -8.58 -2.42 -24.24
N HIS A 240 -9.60 -1.57 -23.99
CA HIS A 240 -10.15 -1.38 -22.65
C HIS A 240 -10.90 -2.62 -22.19
N GLN A 241 -10.60 -3.05 -20.95
CA GLN A 241 -11.22 -4.22 -20.34
C GLN A 241 -12.41 -3.81 -19.48
N GLU A 242 -13.58 -4.42 -19.75
CA GLU A 242 -14.82 -4.22 -18.99
C GLU A 242 -14.60 -4.77 -17.57
N PRO A 243 -14.90 -3.98 -16.51
CA PRO A 243 -14.73 -4.49 -15.13
C PRO A 243 -15.60 -5.72 -14.89
N ILE A 244 -15.03 -6.78 -14.27
CA ILE A 244 -15.68 -8.07 -13.99
C ILE A 244 -17.07 -7.90 -13.31
N SER A 245 -17.20 -6.91 -12.41
CA SER A 245 -18.48 -6.61 -11.73
C SER A 245 -19.55 -6.20 -12.73
N GLN A 246 -19.20 -5.30 -13.68
CA GLN A 246 -20.10 -4.82 -14.74
C GLN A 246 -20.56 -5.95 -15.67
N THR A 247 -19.65 -6.92 -15.94
CA THR A 247 -19.92 -8.11 -16.76
C THR A 247 -20.96 -8.96 -16.03
N LEU A 248 -20.76 -9.15 -14.72
CA LEU A 248 -21.61 -9.94 -13.83
C LEU A 248 -23.01 -9.31 -13.60
N LEU A 249 -23.08 -7.98 -13.33
CA LEU A 249 -24.34 -7.24 -13.15
C LEU A 249 -25.26 -7.35 -14.39
N HIS A 250 -24.70 -7.09 -15.59
CA HIS A 250 -25.45 -7.10 -16.86
C HIS A 250 -25.50 -8.47 -17.57
N LEU A 251 -24.98 -9.54 -16.94
CA LEU A 251 -24.99 -10.90 -17.51
C LEU A 251 -26.42 -11.44 -17.78
N GLY A 252 -27.31 -11.31 -16.79
CA GLY A 252 -28.70 -11.73 -16.89
C GLY A 252 -29.45 -10.97 -17.97
N ASP A 253 -29.23 -9.63 -18.02
CA ASP A 253 -29.79 -8.66 -18.97
C ASP A 253 -29.39 -9.00 -20.42
N ARG A 254 -28.09 -9.30 -20.64
CA ARG A 254 -27.54 -9.68 -21.94
C ARG A 254 -28.09 -11.04 -22.40
N LEU A 255 -28.39 -11.95 -21.45
CA LEU A 255 -28.91 -13.28 -21.73
C LEU A 255 -30.38 -13.31 -22.16
N ASP A 256 -31.24 -12.48 -21.52
CA ASP A 256 -32.67 -12.45 -21.89
C ASP A 256 -32.91 -11.71 -23.21
N ARG A 257 -32.03 -10.76 -23.56
CA ARG A 257 -32.05 -9.98 -24.81
C ARG A 257 -31.74 -10.89 -26.00
N ILE A 258 -30.74 -11.79 -25.85
CA ILE A 258 -30.35 -12.76 -26.87
C ILE A 258 -31.43 -13.86 -27.00
N GLU A 259 -32.09 -14.22 -25.87
CA GLU A 259 -33.18 -15.20 -25.80
C GLU A 259 -34.40 -14.71 -26.60
N LYS A 260 -34.82 -13.45 -26.32
CA LYS A 260 -35.96 -12.78 -26.95
C LYS A 260 -35.72 -12.54 -28.44
N GLN A 261 -34.47 -12.19 -28.84
CA GLN A 261 -34.11 -11.99 -30.24
C GLN A 261 -34.11 -13.30 -31.03
N LEU A 262 -33.85 -14.43 -30.34
CA LEU A 262 -33.85 -15.77 -30.93
C LEU A 262 -35.27 -16.23 -31.24
N ALA A 263 -36.22 -16.02 -30.30
CA ALA A 263 -37.63 -16.41 -30.42
C ALA A 263 -38.36 -15.61 -31.51
N GLN A 264 -38.09 -14.29 -31.62
CA GLN A 264 -38.69 -13.42 -32.64
C GLN A 264 -38.16 -13.74 -34.05
N ASN A 265 -36.88 -14.17 -34.13
CA ASN A 265 -36.22 -14.58 -35.37
C ASN A 265 -36.81 -15.92 -35.80
N ASN A 266 -37.09 -16.81 -34.83
CA ASN A 266 -37.71 -18.13 -35.04
C ASN A 266 -39.19 -17.95 -35.43
N GLU A 267 -39.85 -16.88 -34.92
CA GLU A 267 -41.24 -16.54 -35.19
C GLU A 267 -41.43 -16.10 -36.65
N LEU A 268 -40.41 -15.42 -37.22
CA LEU A 268 -40.41 -14.94 -38.61
C LEU A 268 -39.91 -16.03 -39.57
N LEU A 269 -39.06 -16.94 -39.06
CA LEU A 269 -38.47 -18.04 -39.84
C LEU A 269 -39.48 -19.14 -40.18
N GLN A 270 -40.37 -19.48 -39.22
CA GLN A 270 -41.41 -20.52 -39.39
C GLN A 270 -42.45 -20.15 -40.46
N ARG A 271 -42.74 -18.85 -40.62
CA ARG A 271 -43.70 -18.33 -41.61
C ARG A 271 -43.01 -17.39 -42.61
N GLN A 272 -42.64 -17.94 -43.79
CA GLN A 272 -41.96 -17.22 -44.86
C GLN A 272 -42.71 -17.38 -46.18
#